data_1GGG
#
_entry.id   1GGG
#
_cell.length_a   86.300
_cell.length_b   86.300
_cell.length_c   81.500
_cell.angle_alpha   90.00
_cell.angle_beta   90.00
_cell.angle_gamma   90.00
#
_symmetry.space_group_name_H-M   'P 21 21 21'
#
loop_
_entity.id
_entity.type
_entity.pdbx_description
1 polymer 'GLUTAMINE BINDING PROTEIN'
2 water water
#
_entity_poly.entity_id   1
_entity_poly.type   'polypeptide(L)'
_entity_poly.pdbx_seq_one_letter_code
;ADKKLVVATDTAFVPFEFKQGDLYVGFDVDLWAAIAKELKLDYELKPMDFSGIIPALQTKNVDLALAGITITDERKKAID
FSDGYYKSGLLVMVKANNNDVKSVKDLDGKVVAVKSGTGSVDYAKANIKTKDLRQFPNIDNAYMELGTNRADAVLHDTPN
ILYFIKTAGNGQFKAVGDSLEAQQYGIAFPKGSDELRDKVNGALKTLRENGTYNEIYKKWFGTEPK
;
_entity_poly.pdbx_strand_id   A,B
#
# COMPACT_ATOMS: atom_id res chain seq x y z
N LEU A 5 -23.55 8.45 -18.85
CA LEU A 5 -22.41 7.89 -19.62
C LEU A 5 -22.67 6.41 -19.86
N VAL A 6 -22.43 5.94 -21.09
CA VAL A 6 -22.50 4.52 -21.44
C VAL A 6 -21.09 3.98 -21.58
N VAL A 7 -20.68 3.08 -20.69
CA VAL A 7 -19.33 2.54 -20.70
C VAL A 7 -19.38 1.08 -21.13
N ALA A 8 -18.58 0.72 -22.13
CA ALA A 8 -18.60 -0.62 -22.70
C ALA A 8 -17.43 -1.46 -22.20
N THR A 9 -17.67 -2.76 -22.04
CA THR A 9 -16.64 -3.75 -21.70
C THR A 9 -16.77 -5.00 -22.55
N ASP A 10 -15.79 -5.88 -22.44
CA ASP A 10 -15.80 -7.19 -23.08
C ASP A 10 -16.93 -8.04 -22.48
N THR A 11 -17.23 -9.18 -23.10
CA THR A 11 -18.20 -10.12 -22.56
C THR A 11 -17.56 -11.08 -21.60
N ALA A 12 -16.29 -11.41 -21.85
CA ALA A 12 -15.46 -12.10 -20.88
C ALA A 12 -13.97 -11.88 -21.13
N PHE A 13 -13.31 -11.26 -20.15
CA PHE A 13 -11.86 -11.14 -20.15
C PHE A 13 -11.44 -11.33 -18.69
N VAL A 14 -11.36 -12.58 -18.24
CA VAL A 14 -11.07 -12.88 -16.84
C VAL A 14 -9.61 -12.53 -16.47
N PRO A 15 -9.38 -11.90 -15.32
CA PRO A 15 -10.32 -11.42 -14.30
C PRO A 15 -10.63 -9.92 -14.38
N PHE A 16 -10.57 -9.32 -15.56
CA PHE A 16 -10.88 -7.91 -15.69
C PHE A 16 -12.38 -7.60 -15.78
N GLU A 17 -13.13 -8.37 -16.57
CA GLU A 17 -14.60 -8.35 -16.51
C GLU A 17 -15.21 -9.68 -16.94
N PHE A 18 -16.12 -10.21 -16.12
CA PHE A 18 -16.88 -11.41 -16.48
C PHE A 18 -18.12 -11.54 -15.62
N LYS A 19 -19.15 -12.13 -16.18
CA LYS A 19 -20.47 -12.21 -15.55
C LYS A 19 -20.30 -13.00 -14.29
N GLN A 20 -21.21 -12.77 -13.34
CA GLN A 20 -21.24 -13.54 -12.11
C GLN A 20 -22.66 -13.53 -11.56
N GLY A 21 -23.36 -14.64 -11.77
CA GLY A 21 -24.77 -14.65 -11.52
C GLY A 21 -25.41 -13.70 -12.49
N ASP A 22 -25.92 -12.59 -11.96
CA ASP A 22 -26.67 -11.60 -12.74
C ASP A 22 -25.89 -10.31 -13.04
N LEU A 23 -24.82 -10.06 -12.29
CA LEU A 23 -24.01 -8.86 -12.48
C LEU A 23 -22.71 -9.14 -13.27
N TYR A 24 -21.86 -8.12 -13.34
CA TYR A 24 -20.51 -8.26 -13.84
C TYR A 24 -19.55 -7.94 -12.73
N VAL A 25 -18.37 -8.51 -12.80
CA VAL A 25 -17.35 -8.39 -11.75
C VAL A 25 -15.98 -8.36 -12.47
N GLY A 26 -14.95 -7.86 -11.78
CA GLY A 26 -13.59 -7.86 -12.31
C GLY A 26 -12.78 -6.65 -11.88
N PHE A 27 -11.52 -6.58 -12.26
CA PHE A 27 -10.65 -5.47 -11.90
C PHE A 27 -11.09 -4.15 -12.57
N ASP A 28 -11.42 -4.23 -13.87
CA ASP A 28 -11.91 -3.10 -14.65
C ASP A 28 -13.24 -2.61 -14.11
N VAL A 29 -14.11 -3.56 -13.77
CA VAL A 29 -15.41 -3.25 -13.23
C VAL A 29 -15.37 -2.59 -11.84
N ASP A 30 -14.45 -3.01 -10.98
CA ASP A 30 -14.23 -2.31 -9.71
C ASP A 30 -13.45 -1.01 -9.87
N LEU A 31 -12.57 -0.94 -10.85
CA LEU A 31 -11.76 0.25 -11.07
C LEU A 31 -12.57 1.41 -11.57
N TRP A 32 -13.42 1.17 -12.55
CA TRP A 32 -14.27 2.23 -13.06
C TRP A 32 -15.24 2.77 -12.00
N ALA A 33 -15.86 1.87 -11.23
CA ALA A 33 -16.80 2.25 -10.19
C ALA A 33 -16.15 3.18 -9.16
N ALA A 34 -14.92 2.90 -8.75
CA ALA A 34 -14.24 3.81 -7.84
C ALA A 34 -13.94 5.15 -8.50
N ILE A 35 -13.54 5.17 -9.76
CA ILE A 35 -13.28 6.44 -10.46
C ILE A 35 -14.59 7.25 -10.61
N ALA A 36 -15.65 6.55 -11.02
CA ALA A 36 -16.99 7.12 -11.18
C ALA A 36 -17.52 7.80 -9.92
N LYS A 37 -17.31 7.19 -8.76
CA LYS A 37 -17.77 7.77 -7.51
C LYS A 37 -16.94 8.96 -7.08
N GLU A 38 -15.65 8.93 -7.34
CA GLU A 38 -14.79 10.09 -7.09
C GLU A 38 -15.28 11.27 -7.88
N LEU A 39 -15.77 11.02 -9.09
CA LEU A 39 -16.22 12.09 -9.96
C LEU A 39 -17.71 12.40 -9.88
N LYS A 40 -18.44 11.59 -9.11
CA LYS A 40 -19.90 11.71 -9.05
C LYS A 40 -20.60 11.55 -10.39
N LEU A 41 -20.24 10.50 -11.11
CA LEU A 41 -20.74 10.22 -12.45
C LEU A 41 -21.78 9.12 -12.39
N ASP A 42 -22.91 9.35 -13.06
CA ASP A 42 -23.90 8.31 -13.29
C ASP A 42 -23.57 7.70 -14.64
N TYR A 43 -23.83 6.41 -14.82
CA TYR A 43 -23.42 5.69 -16.01
C TYR A 43 -24.13 4.36 -16.18
N GLU A 44 -23.89 3.70 -17.31
CA GLU A 44 -24.51 2.44 -17.65
C GLU A 44 -23.50 1.50 -18.30
N LEU A 45 -23.50 0.24 -17.88
CA LEU A 45 -22.53 -0.75 -18.39
C LEU A 45 -23.12 -1.51 -19.57
N LYS A 46 -22.39 -1.57 -20.67
CA LYS A 46 -22.89 -2.22 -21.87
C LYS A 46 -21.85 -3.22 -22.41
N PRO A 47 -21.98 -4.50 -22.03
CA PRO A 47 -21.19 -5.61 -22.56
C PRO A 47 -21.41 -5.85 -24.06
N MET A 48 -20.34 -6.16 -24.78
CA MET A 48 -20.36 -6.31 -26.24
C MET A 48 -18.98 -6.85 -26.73
N ASP A 49 -18.94 -7.54 -27.87
CA ASP A 49 -17.72 -8.17 -28.37
C ASP A 49 -16.67 -7.10 -28.53
N PHE A 50 -15.46 -7.37 -28.08
CA PHE A 50 -14.33 -6.46 -28.27
C PHE A 50 -14.29 -5.81 -29.66
N SER A 51 -14.67 -6.59 -30.68
CA SER A 51 -14.52 -6.18 -32.07
C SER A 51 -15.35 -4.93 -32.38
N GLY A 52 -16.41 -4.75 -31.60
CA GLY A 52 -17.31 -3.64 -31.81
C GLY A 52 -16.96 -2.42 -31.02
N ILE A 53 -15.87 -2.48 -30.26
CA ILE A 53 -15.59 -1.49 -29.24
C ILE A 53 -14.90 -0.23 -29.79
N ILE A 54 -13.89 -0.34 -30.64
CA ILE A 54 -13.32 0.89 -31.20
C ILE A 54 -14.20 1.52 -32.28
N PRO A 55 -14.78 0.70 -33.16
CA PRO A 55 -15.97 1.12 -33.92
C PRO A 55 -17.00 2.01 -33.18
N ALA A 56 -17.71 1.45 -32.21
CA ALA A 56 -18.78 2.17 -31.51
C ALA A 56 -18.30 3.41 -30.76
N LEU A 57 -17.02 3.42 -30.43
CA LEU A 57 -16.39 4.56 -29.81
C LEU A 57 -16.22 5.70 -30.82
N GLN A 58 -15.82 5.34 -32.03
CA GLN A 58 -15.52 6.33 -33.07
C GLN A 58 -16.78 7.01 -33.63
N THR A 59 -17.92 6.33 -33.55
CA THR A 59 -19.17 6.95 -33.92
C THR A 59 -19.88 7.58 -32.74
N LYS A 60 -19.25 7.51 -31.57
CA LYS A 60 -19.81 7.99 -30.32
C LYS A 60 -21.17 7.37 -29.93
N ASN A 61 -21.35 6.09 -30.25
CA ASN A 61 -22.49 5.30 -29.75
C ASN A 61 -22.23 4.74 -28.34
N VAL A 62 -21.17 5.27 -27.71
CA VAL A 62 -20.62 4.75 -26.47
C VAL A 62 -19.65 5.85 -26.12
N ASP A 63 -19.50 6.15 -24.83
CA ASP A 63 -18.73 7.31 -24.39
C ASP A 63 -17.29 6.99 -23.96
N LEU A 64 -17.10 5.80 -23.37
CA LEU A 64 -15.78 5.28 -23.07
C LEU A 64 -15.83 3.77 -22.87
N ALA A 65 -14.65 3.15 -22.75
CA ALA A 65 -14.53 1.71 -22.65
C ALA A 65 -13.31 1.23 -21.85
N LEU A 66 -13.56 0.30 -21.01
CA LEU A 66 -12.47 -0.42 -20.33
C LEU A 66 -12.60 -1.93 -20.57
N ALA A 67 -11.92 -2.41 -21.58
CA ALA A 67 -11.87 -3.85 -21.87
C ALA A 67 -10.42 -4.33 -21.93
N GLY A 68 -9.54 -4.27 -20.86
CA GLY A 68 -8.14 -4.65 -20.95
C GLY A 68 -7.54 -4.29 -22.29
N ILE A 69 -7.63 -3.01 -22.65
CA ILE A 69 -7.16 -2.48 -23.94
C ILE A 69 -5.74 -1.94 -23.83
N THR A 70 -4.86 -2.43 -24.70
CA THR A 70 -3.47 -2.01 -24.69
C THR A 70 -3.25 -0.72 -25.46
N ILE A 71 -2.52 0.22 -24.88
CA ILE A 71 -2.19 1.46 -25.56
C ILE A 71 -1.12 1.15 -26.56
N THR A 72 -1.50 1.05 -27.84
CA THR A 72 -0.52 0.99 -28.91
C THR A 72 -0.70 2.21 -29.80
N ASP A 73 0.26 2.34 -30.72
CA ASP A 73 0.37 3.61 -31.46
C ASP A 73 -0.59 3.63 -32.62
N GLU A 74 -0.82 2.46 -33.17
CA GLU A 74 -1.76 2.34 -34.28
C GLU A 74 -3.17 2.58 -33.79
N ARG A 75 -3.36 2.37 -32.49
CA ARG A 75 -4.68 2.54 -31.85
C ARG A 75 -4.95 4.02 -31.56
N LYS A 76 -3.89 4.73 -31.25
CA LYS A 76 -3.97 6.17 -30.94
C LYS A 76 -4.35 6.95 -32.20
N LYS A 77 -4.17 6.38 -33.37
CA LYS A 77 -4.68 6.97 -34.58
C LYS A 77 -6.21 7.04 -34.51
N ALA A 78 -6.82 6.02 -33.90
CA ALA A 78 -8.26 5.88 -33.91
C ALA A 78 -8.98 6.46 -32.71
N ILE A 79 -8.32 6.57 -31.57
CA ILE A 79 -8.99 6.96 -30.31
C ILE A 79 -8.04 7.74 -29.42
N ASP A 80 -8.45 8.06 -28.21
CA ASP A 80 -7.56 8.59 -27.17
C ASP A 80 -7.58 7.73 -25.92
N PHE A 81 -6.49 7.70 -25.17
CA PHE A 81 -6.45 6.93 -23.93
C PHE A 81 -6.24 7.82 -22.70
N SER A 82 -6.67 7.34 -21.54
CA SER A 82 -6.28 7.96 -20.28
C SER A 82 -4.83 7.57 -20.03
N ASP A 83 -4.29 7.97 -18.88
CA ASP A 83 -3.01 7.42 -18.42
C ASP A 83 -3.14 5.91 -18.23
N GLY A 84 -2.02 5.23 -18.30
CA GLY A 84 -2.04 3.80 -18.09
C GLY A 84 -2.50 3.48 -16.68
N TYR A 85 -3.33 2.46 -16.55
CA TYR A 85 -3.76 2.03 -15.24
C TYR A 85 -3.39 0.58 -14.92
N TYR A 86 -2.66 -0.08 -15.80
CA TYR A 86 -2.24 -1.46 -15.54
C TYR A 86 -1.01 -1.86 -16.36
N LYS A 87 -0.01 -2.42 -15.68
CA LYS A 87 1.24 -2.82 -16.31
C LYS A 87 1.13 -4.28 -16.66
N SER A 88 1.02 -4.57 -17.96
CA SER A 88 1.01 -5.93 -18.48
C SER A 88 2.39 -6.24 -19.11
N GLY A 89 2.57 -7.44 -19.64
CA GLY A 89 3.88 -7.85 -20.11
C GLY A 89 3.98 -9.33 -19.86
N LEU A 90 5.20 -9.89 -19.90
CA LEU A 90 5.41 -11.34 -19.75
C LEU A 90 5.98 -11.62 -18.39
N LEU A 91 5.66 -12.78 -17.82
CA LEU A 91 6.10 -13.10 -16.47
C LEU A 91 6.55 -14.55 -16.43
N VAL A 92 7.52 -14.83 -15.54
CA VAL A 92 8.12 -16.16 -15.37
C VAL A 92 7.36 -16.89 -14.28
N MET A 93 7.06 -18.16 -14.47
CA MET A 93 6.44 -18.98 -13.44
C MET A 93 7.23 -20.26 -13.29
N VAL A 94 7.58 -20.63 -12.06
CA VAL A 94 8.25 -21.90 -11.81
C VAL A 94 7.58 -22.56 -10.62
N LYS A 95 8.02 -23.78 -10.33
CA LYS A 95 7.47 -24.52 -9.22
C LYS A 95 7.71 -23.72 -7.97
N ALA A 96 6.70 -23.62 -7.12
CA ALA A 96 6.83 -22.79 -5.94
C ALA A 96 7.97 -23.35 -5.13
N ASN A 97 8.00 -24.66 -4.98
CA ASN A 97 9.00 -25.30 -4.14
C ASN A 97 10.30 -25.47 -4.87
N ASN A 98 10.62 -24.51 -5.76
CA ASN A 98 11.91 -24.45 -6.48
C ASN A 98 12.63 -23.12 -6.25
N ASN A 99 13.84 -23.18 -5.76
CA ASN A 99 14.49 -21.98 -5.24
C ASN A 99 15.72 -21.63 -6.08
N ASP A 100 15.70 -22.05 -7.33
CA ASP A 100 16.88 -22.03 -8.15
C ASP A 100 16.68 -21.13 -9.41
N VAL A 101 15.64 -20.31 -9.43
CA VAL A 101 15.37 -19.52 -10.64
C VAL A 101 14.96 -18.07 -10.37
N LYS A 102 15.26 -17.20 -11.36
CA LYS A 102 14.65 -15.85 -11.52
C LYS A 102 15.04 -15.11 -12.83
N SER A 103 14.49 -15.57 -13.97
CA SER A 103 15.02 -15.29 -15.32
C SER A 103 16.53 -15.53 -15.50
N VAL A 104 17.08 -16.36 -14.62
CA VAL A 104 18.34 -17.07 -14.83
C VAL A 104 17.99 -18.52 -15.21
N LYS A 105 17.79 -18.75 -16.51
CA LYS A 105 17.49 -20.10 -16.98
C LYS A 105 17.90 -20.41 -18.43
N ASP A 106 19.19 -20.56 -18.66
CA ASP A 106 19.62 -21.00 -19.97
C ASP A 106 20.54 -22.19 -19.87
N LEU A 107 21.82 -21.99 -20.16
CA LEU A 107 22.81 -23.11 -20.24
C LEU A 107 23.26 -23.62 -18.87
N ASP A 108 22.29 -23.92 -18.02
CA ASP A 108 22.50 -24.81 -16.87
C ASP A 108 21.79 -26.15 -17.16
N GLY A 109 20.89 -26.09 -18.14
CA GLY A 109 20.03 -27.19 -18.51
C GLY A 109 18.65 -26.63 -18.31
N LYS A 110 18.19 -25.69 -19.17
CA LYS A 110 16.89 -25.04 -18.94
C LYS A 110 15.81 -25.13 -20.01
N VAL A 111 14.61 -25.50 -19.57
CA VAL A 111 13.51 -25.82 -20.46
C VAL A 111 12.29 -24.96 -20.17
N VAL A 112 11.86 -24.17 -21.15
CA VAL A 112 10.72 -23.27 -20.93
C VAL A 112 9.55 -23.71 -21.79
N ALA A 113 8.38 -23.85 -21.17
CA ALA A 113 7.13 -24.16 -21.88
C ALA A 113 6.34 -22.87 -22.22
N VAL A 114 5.91 -22.71 -23.46
CA VAL A 114 5.09 -21.57 -23.83
C VAL A 114 3.84 -22.00 -24.63
N LYS A 115 2.94 -21.05 -24.90
CA LYS A 115 1.84 -21.24 -25.83
C LYS A 115 2.25 -20.83 -27.26
N SER A 116 1.94 -21.66 -28.24
CA SER A 116 2.21 -21.32 -29.62
C SER A 116 1.52 -20.03 -29.96
N GLY A 117 2.26 -19.12 -30.59
CA GLY A 117 1.63 -18.00 -31.30
C GLY A 117 1.36 -16.74 -30.48
N THR A 118 2.26 -16.45 -29.55
CA THR A 118 2.17 -15.26 -28.72
C THR A 118 3.54 -14.63 -28.53
N GLY A 119 3.58 -13.46 -27.91
CA GLY A 119 4.81 -12.72 -27.77
C GLY A 119 5.80 -13.42 -26.89
N SER A 120 5.35 -14.47 -26.21
CA SER A 120 6.22 -15.31 -25.37
C SER A 120 7.22 -16.13 -26.18
N VAL A 121 6.79 -16.65 -27.32
CA VAL A 121 7.69 -17.36 -28.21
C VAL A 121 8.82 -16.42 -28.59
N ASP A 122 8.49 -15.42 -29.37
CA ASP A 122 9.45 -14.41 -29.79
C ASP A 122 10.48 -14.08 -28.70
N TYR A 123 10.03 -13.48 -27.61
CA TYR A 123 10.94 -13.01 -26.56
C TYR A 123 11.93 -14.07 -26.10
N ALA A 124 11.51 -15.33 -26.14
CA ALA A 124 12.33 -16.42 -25.62
C ALA A 124 13.35 -16.89 -26.66
N LYS A 125 12.96 -16.87 -27.92
CA LYS A 125 13.86 -17.18 -29.03
C LYS A 125 15.08 -16.22 -28.99
N ALA A 126 14.84 -14.96 -28.55
CA ALA A 126 15.88 -13.91 -28.56
C ALA A 126 16.68 -13.76 -27.27
N ASN A 127 16.00 -13.84 -26.14
CA ASN A 127 16.61 -13.42 -24.89
C ASN A 127 16.95 -14.60 -23.94
N ILE A 128 16.74 -15.82 -24.41
CA ILE A 128 17.06 -16.98 -23.55
C ILE A 128 17.74 -18.11 -24.33
N LYS A 129 18.72 -18.73 -23.67
CA LYS A 129 19.45 -19.86 -24.24
C LYS A 129 18.90 -21.13 -23.58
N THR A 130 17.63 -21.43 -23.86
CA THR A 130 16.99 -22.61 -23.30
C THR A 130 17.67 -23.90 -23.82
N LYS A 131 17.93 -24.85 -22.92
CA LYS A 131 18.32 -26.14 -23.43
C LYS A 131 17.17 -26.55 -24.37
N ASP A 132 15.93 -26.38 -23.87
CA ASP A 132 14.74 -26.62 -24.69
C ASP A 132 13.63 -25.56 -24.57
N LEU A 133 12.96 -25.28 -25.68
CA LEU A 133 11.83 -24.37 -25.72
C LEU A 133 10.62 -25.09 -26.33
N ARG A 134 9.70 -25.54 -25.47
CA ARG A 134 8.57 -26.37 -25.89
C ARG A 134 7.38 -25.51 -26.18
N GLN A 135 6.71 -25.73 -27.32
CA GLN A 135 5.51 -24.96 -27.61
C GLN A 135 4.24 -25.80 -27.64
N PHE A 136 3.20 -25.30 -26.96
CA PHE A 136 1.95 -26.03 -26.87
C PHE A 136 0.77 -25.32 -27.51
N PRO A 137 -0.29 -26.07 -27.81
CA PRO A 137 -1.42 -25.45 -28.49
C PRO A 137 -2.19 -24.55 -27.53
N ASN A 138 -2.25 -24.94 -26.25
CA ASN A 138 -2.86 -24.09 -25.22
C ASN A 138 -1.94 -24.02 -24.00
N ILE A 139 -2.10 -23.00 -23.12
CA ILE A 139 -1.20 -22.81 -21.97
C ILE A 139 -1.48 -23.85 -20.92
N ASP A 140 -2.76 -24.12 -20.74
CA ASP A 140 -3.15 -25.26 -19.96
C ASP A 140 -2.19 -26.44 -20.18
N ASN A 141 -1.82 -26.72 -21.43
CA ASN A 141 -0.84 -27.77 -21.71
C ASN A 141 0.48 -27.45 -21.04
N ALA A 142 0.89 -26.20 -21.18
CA ALA A 142 2.13 -25.75 -20.59
C ALA A 142 2.11 -25.92 -19.07
N TYR A 143 0.99 -25.61 -18.43
CA TYR A 143 0.83 -25.79 -16.97
C TYR A 143 1.07 -27.24 -16.52
N MET A 144 0.55 -28.18 -17.29
CA MET A 144 0.60 -29.59 -16.93
C MET A 144 2.01 -30.08 -17.17
N GLU A 145 2.74 -29.39 -18.07
CA GLU A 145 4.15 -29.68 -18.25
C GLU A 145 4.98 -29.29 -17.03
N LEU A 146 4.76 -28.09 -16.51
CA LEU A 146 5.36 -27.66 -15.24
C LEU A 146 4.82 -28.53 -14.11
N GLY A 147 3.55 -28.87 -14.23
CA GLY A 147 2.92 -29.79 -13.31
C GLY A 147 3.85 -30.94 -12.97
N THR A 148 4.22 -31.76 -13.94
CA THR A 148 5.26 -32.78 -13.77
C THR A 148 6.59 -32.04 -13.76
N ASN A 149 7.70 -32.72 -14.06
CA ASN A 149 8.97 -31.99 -14.11
C ASN A 149 9.67 -32.03 -15.45
N ARG A 150 8.95 -31.64 -16.51
CA ARG A 150 9.52 -31.55 -17.85
C ARG A 150 9.82 -30.10 -18.19
N ALA A 151 9.03 -29.19 -17.63
CA ALA A 151 9.33 -27.79 -17.79
C ALA A 151 9.92 -27.27 -16.51
N ASP A 152 11.02 -26.54 -16.65
CA ASP A 152 11.60 -25.76 -15.57
C ASP A 152 10.69 -24.59 -15.22
N ALA A 153 10.32 -23.82 -16.24
CA ALA A 153 9.56 -22.61 -16.04
C ALA A 153 8.57 -22.45 -17.18
N VAL A 154 7.48 -21.74 -16.92
CA VAL A 154 6.56 -21.30 -17.96
C VAL A 154 6.77 -19.80 -18.14
N LEU A 155 6.45 -19.30 -19.33
CA LEU A 155 6.49 -17.87 -19.63
C LEU A 155 5.15 -17.56 -20.33
N HIS A 156 4.40 -16.61 -19.78
CA HIS A 156 3.10 -16.24 -20.30
C HIS A 156 2.84 -14.83 -19.76
N ASP A 157 1.64 -14.31 -19.96
CA ASP A 157 1.35 -12.93 -19.58
C ASP A 157 1.01 -12.71 -18.12
N THR A 158 1.36 -11.53 -17.62
CA THR A 158 1.26 -11.14 -16.22
C THR A 158 -0.09 -11.47 -15.56
N PRO A 159 -1.22 -11.05 -16.18
CA PRO A 159 -2.51 -11.24 -15.52
C PRO A 159 -2.93 -12.70 -15.49
N ASN A 160 -2.64 -13.42 -16.56
CA ASN A 160 -3.00 -14.83 -16.68
C ASN A 160 -2.27 -15.70 -15.67
N ILE A 161 -0.96 -15.51 -15.52
CA ILE A 161 -0.23 -16.33 -14.56
C ILE A 161 -0.56 -15.91 -13.12
N LEU A 162 -0.62 -14.60 -12.89
CA LEU A 162 -0.86 -14.07 -11.55
C LEU A 162 -2.18 -14.62 -11.04
N TYR A 163 -3.21 -14.46 -11.84
CA TYR A 163 -4.53 -14.94 -11.46
C TYR A 163 -4.61 -16.45 -11.38
N PHE A 164 -3.84 -17.16 -12.21
CA PHE A 164 -3.84 -18.63 -12.11
C PHE A 164 -3.26 -19.05 -10.77
N ILE A 165 -2.20 -18.38 -10.35
CA ILE A 165 -1.57 -18.77 -9.12
C ILE A 165 -2.51 -18.57 -7.97
N LYS A 166 -3.53 -17.75 -8.19
CA LYS A 166 -4.42 -17.33 -7.12
C LYS A 166 -5.59 -18.30 -6.96
N THR A 167 -5.99 -18.93 -8.04
CA THR A 167 -7.25 -19.65 -8.02
C THR A 167 -7.08 -21.15 -8.11
N ALA A 168 -6.08 -21.60 -8.88
CA ALA A 168 -6.01 -23.02 -9.24
C ALA A 168 -4.63 -23.63 -9.08
N GLY A 169 -3.59 -22.79 -9.15
CA GLY A 169 -2.27 -23.27 -8.83
C GLY A 169 -1.97 -22.99 -7.38
N ASN A 170 -2.95 -22.37 -6.72
CA ASN A 170 -2.88 -22.07 -5.28
C ASN A 170 -2.37 -23.36 -4.61
N GLY A 171 -1.25 -23.21 -3.91
CA GLY A 171 -0.41 -24.33 -3.54
C GLY A 171 0.94 -24.26 -4.25
N GLN A 172 0.96 -24.70 -5.50
CA GLN A 172 2.11 -25.37 -6.09
C GLN A 172 3.08 -24.54 -6.92
N PHE A 173 2.62 -23.41 -7.48
CA PHE A 173 3.44 -22.63 -8.41
C PHE A 173 3.89 -21.31 -7.81
N LYS A 174 4.81 -20.61 -8.46
CA LYS A 174 5.10 -19.25 -8.04
C LYS A 174 5.73 -18.49 -9.19
N ALA A 175 5.56 -17.17 -9.17
CA ALA A 175 6.05 -16.29 -10.24
C ALA A 175 7.30 -15.62 -9.75
N VAL A 176 8.16 -15.21 -10.67
CA VAL A 176 9.38 -14.56 -10.26
C VAL A 176 9.77 -13.41 -11.18
N GLY A 177 10.41 -12.39 -10.60
CA GLY A 177 10.86 -11.24 -11.38
C GLY A 177 9.72 -10.27 -11.40
N ASP A 178 9.67 -9.36 -12.36
CA ASP A 178 8.38 -8.80 -12.74
C ASP A 178 8.36 -8.59 -14.26
N SER A 179 7.44 -7.76 -14.75
CA SER A 179 6.95 -7.84 -16.11
C SER A 179 8.04 -7.58 -17.12
N LEU A 180 8.10 -8.40 -18.16
CA LEU A 180 9.07 -8.23 -19.23
C LEU A 180 8.28 -7.67 -20.38
N GLU A 181 8.91 -6.88 -21.24
CA GLU A 181 8.26 -6.38 -22.45
C GLU A 181 6.97 -5.63 -22.08
N ALA A 182 6.98 -5.02 -20.90
CA ALA A 182 5.78 -4.47 -20.30
C ALA A 182 5.15 -3.43 -21.20
N GLN A 183 3.81 -3.52 -21.33
CA GLN A 183 2.97 -2.49 -21.96
C GLN A 183 1.95 -2.10 -20.93
N GLN A 184 1.06 -1.19 -21.31
CA GLN A 184 0.12 -0.61 -20.35
C GLN A 184 -1.28 -0.73 -20.90
N TYR A 185 -2.26 -0.88 -20.01
CA TYR A 185 -3.67 -0.82 -20.38
C TYR A 185 -4.14 0.61 -20.26
N GLY A 186 -5.19 0.94 -20.99
CA GLY A 186 -5.69 2.31 -21.00
C GLY A 186 -7.18 2.39 -21.21
N ILE A 187 -7.80 3.40 -20.60
CA ILE A 187 -9.21 3.65 -20.82
C ILE A 187 -9.37 4.43 -22.13
N ALA A 188 -10.22 3.93 -23.00
CA ALA A 188 -10.39 4.49 -24.34
C ALA A 188 -11.59 5.46 -24.41
N PHE A 189 -11.34 6.65 -24.95
CA PHE A 189 -12.36 7.67 -25.21
C PHE A 189 -12.39 7.97 -26.71
N PRO A 190 -13.54 8.40 -27.23
CA PRO A 190 -13.55 9.03 -28.55
C PRO A 190 -12.67 10.27 -28.59
N LYS A 191 -12.19 10.64 -29.78
CA LYS A 191 -11.36 11.83 -29.89
C LYS A 191 -12.19 13.06 -29.62
N GLY A 192 -11.50 14.11 -29.19
CA GLY A 192 -12.17 15.33 -28.80
C GLY A 192 -12.81 15.21 -27.44
N SER A 193 -12.47 14.20 -26.66
CA SER A 193 -13.07 14.06 -25.32
C SER A 193 -12.14 14.55 -24.21
N ASP A 194 -11.53 15.70 -24.45
CA ASP A 194 -10.35 16.18 -23.71
C ASP A 194 -10.64 16.46 -22.23
N GLU A 195 -11.77 17.09 -21.97
CA GLU A 195 -12.17 17.44 -20.61
C GLU A 195 -12.33 16.21 -19.70
N LEU A 196 -13.15 15.25 -20.16
CA LEU A 196 -13.50 14.03 -19.42
C LEU A 196 -12.25 13.18 -19.20
N ARG A 197 -11.48 13.02 -20.28
CA ARG A 197 -10.21 12.34 -20.21
C ARG A 197 -9.38 12.95 -19.09
N ASP A 198 -9.35 14.27 -19.06
CA ASP A 198 -8.61 14.97 -18.04
C ASP A 198 -9.16 14.73 -16.66
N LYS A 199 -10.47 14.53 -16.56
CA LYS A 199 -11.13 14.33 -15.28
C LYS A 199 -10.85 12.96 -14.73
N VAL A 200 -10.92 11.94 -15.61
CA VAL A 200 -10.64 10.55 -15.25
C VAL A 200 -9.19 10.39 -14.80
N ASN A 201 -8.25 10.90 -15.59
CA ASN A 201 -6.84 10.91 -15.24
C ASN A 201 -6.66 11.46 -13.87
N GLY A 202 -7.22 12.64 -13.65
CA GLY A 202 -7.15 13.27 -12.36
C GLY A 202 -7.56 12.33 -11.26
N ALA A 203 -8.66 11.60 -11.44
CA ALA A 203 -9.17 10.71 -10.40
C ALA A 203 -8.29 9.47 -10.20
N LEU A 204 -7.63 9.05 -11.28
CA LEU A 204 -6.74 7.90 -11.25
C LEU A 204 -5.59 8.20 -10.30
N LYS A 205 -5.12 9.46 -10.33
CA LYS A 205 -4.11 9.91 -9.40
C LYS A 205 -4.57 9.78 -7.95
N THR A 206 -5.76 10.27 -7.65
CA THR A 206 -6.29 10.21 -6.29
C THR A 206 -6.31 8.78 -5.75
N LEU A 207 -6.77 7.83 -6.57
CA LEU A 207 -6.86 6.42 -6.19
C LEU A 207 -5.49 5.82 -5.94
N ARG A 208 -4.47 6.25 -6.67
CA ARG A 208 -3.11 5.79 -6.36
C ARG A 208 -2.62 6.37 -5.02
N GLU A 209 -3.01 7.60 -4.71
CA GLU A 209 -2.39 8.37 -3.64
C GLU A 209 -2.96 7.99 -2.26
N ASN A 210 -4.20 7.51 -2.26
CA ASN A 210 -4.86 7.15 -1.02
C ASN A 210 -4.85 5.67 -0.81
N GLY A 211 -4.31 4.96 -1.77
CA GLY A 211 -4.12 3.54 -1.62
C GLY A 211 -5.24 2.64 -2.11
N THR A 212 -6.27 3.19 -2.76
CA THR A 212 -7.40 2.41 -3.25
C THR A 212 -7.01 1.55 -4.47
N TYR A 213 -6.06 2.02 -5.28
CA TYR A 213 -5.57 1.25 -6.44
C TYR A 213 -4.90 -0.04 -5.96
N ASN A 214 -4.07 0.08 -4.94
CA ASN A 214 -3.34 -1.04 -4.35
C ASN A 214 -4.23 -2.16 -3.85
N GLU A 215 -5.29 -1.81 -3.14
CA GLU A 215 -6.14 -2.81 -2.56
C GLU A 215 -7.01 -3.51 -3.59
N ILE A 216 -7.45 -2.78 -4.60
CA ILE A 216 -8.15 -3.38 -5.74
C ILE A 216 -7.24 -4.35 -6.50
N TYR A 217 -5.98 -3.98 -6.65
CA TYR A 217 -5.00 -4.85 -7.29
C TYR A 217 -4.76 -6.13 -6.50
N LYS A 218 -4.65 -6.02 -5.18
CA LYS A 218 -4.48 -7.17 -4.30
C LYS A 218 -5.58 -8.19 -4.50
N LYS A 219 -6.82 -7.73 -4.31
CA LYS A 219 -8.02 -8.55 -4.40
C LYS A 219 -8.07 -9.51 -5.58
N TRP A 220 -7.65 -9.08 -6.76
CA TRP A 220 -7.75 -9.90 -7.94
C TRP A 220 -6.47 -10.65 -8.35
N PHE A 221 -5.31 -10.03 -8.12
CA PHE A 221 -4.02 -10.56 -8.53
C PHE A 221 -3.16 -11.07 -7.38
N GLY A 222 -3.45 -10.55 -6.17
CA GLY A 222 -2.96 -11.14 -4.95
C GLY A 222 -1.55 -10.74 -4.58
N THR A 223 -0.95 -9.86 -5.36
CA THR A 223 0.34 -9.30 -5.00
C THR A 223 0.19 -7.79 -5.14
N GLU A 224 1.32 -7.08 -5.22
CA GLU A 224 1.33 -5.62 -5.30
C GLU A 224 1.47 -5.12 -6.73
N LEU B 5 6.24 9.95 -7.45
CA LEU B 5 7.02 9.47 -6.27
C LEU B 5 6.34 8.25 -5.69
N VAL B 6 7.08 7.19 -5.39
CA VAL B 6 6.51 6.04 -4.68
C VAL B 6 6.76 6.14 -3.18
N VAL B 7 5.68 6.18 -2.40
CA VAL B 7 5.72 6.47 -0.97
C VAL B 7 5.21 5.28 -0.19
N ALA B 8 6.04 4.71 0.68
CA ALA B 8 5.66 3.52 1.45
C ALA B 8 5.28 3.80 2.90
N THR B 9 4.47 2.91 3.46
CA THR B 9 4.04 2.95 4.85
C THR B 9 3.97 1.53 5.38
N ASP B 10 3.89 1.42 6.71
CA ASP B 10 3.50 0.19 7.38
C ASP B 10 2.13 -0.33 6.90
N THR B 11 1.91 -1.63 7.04
CA THR B 11 0.64 -2.26 6.71
C THR B 11 -0.38 -2.05 7.81
N ALA B 12 0.08 -1.89 9.04
CA ALA B 12 -0.82 -1.40 10.08
C ALA B 12 -0.11 -0.90 11.31
N PHE B 13 -0.24 0.40 11.55
CA PHE B 13 0.33 1.04 12.72
C PHE B 13 -0.67 2.10 13.15
N VAL B 14 -1.61 1.71 14.00
CA VAL B 14 -2.70 2.60 14.39
C VAL B 14 -2.23 3.58 15.44
N PRO B 15 -2.60 4.87 15.30
CA PRO B 15 -3.43 5.49 14.26
C PRO B 15 -2.66 6.27 13.17
N PHE B 16 -1.46 5.84 12.88
CA PHE B 16 -0.64 6.51 11.90
C PHE B 16 -1.02 6.07 10.49
N GLU B 17 -1.28 4.78 10.32
CA GLU B 17 -1.87 4.28 9.08
C GLU B 17 -2.53 2.90 9.26
N PHE B 18 -3.67 2.75 8.60
CA PHE B 18 -4.43 1.52 8.68
C PHE B 18 -5.60 1.59 7.73
N LYS B 19 -6.25 0.47 7.53
CA LYS B 19 -7.13 0.29 6.37
C LYS B 19 -8.56 0.53 6.77
N GLN B 20 -9.18 1.48 6.08
CA GLN B 20 -10.53 1.98 6.39
C GLN B 20 -11.45 1.70 5.19
N GLY B 21 -12.07 0.53 5.16
CA GLY B 21 -12.84 0.19 3.99
C GLY B 21 -11.83 -0.19 2.94
N ASP B 22 -11.74 0.62 1.89
CA ASP B 22 -10.90 0.28 0.75
C ASP B 22 -9.72 1.24 0.53
N LEU B 23 -9.56 2.24 1.40
CA LEU B 23 -8.37 3.09 1.38
C LEU B 23 -7.52 2.98 2.65
N TYR B 24 -6.55 3.87 2.81
CA TYR B 24 -5.79 3.94 4.05
C TYR B 24 -6.01 5.30 4.67
N VAL B 25 -5.94 5.36 6.00
CA VAL B 25 -6.11 6.62 6.70
C VAL B 25 -5.13 6.70 7.88
N GLY B 26 -5.00 7.89 8.47
CA GLY B 26 -4.24 8.05 9.69
C GLY B 26 -3.42 9.34 9.73
N PHE B 27 -2.66 9.53 10.79
CA PHE B 27 -1.85 10.73 10.94
C PHE B 27 -0.78 10.87 9.85
N ASP B 28 -0.05 9.79 9.58
CA ASP B 28 0.99 9.82 8.57
C ASP B 28 0.39 10.10 7.18
N VAL B 29 -0.69 9.40 6.86
CA VAL B 29 -1.36 9.54 5.57
C VAL B 29 -1.91 10.95 5.30
N ASP B 30 -2.45 11.59 6.33
CA ASP B 30 -2.94 12.96 6.22
C ASP B 30 -1.82 13.99 6.19
N LEU B 31 -0.76 13.81 6.98
CA LEU B 31 0.33 14.76 6.98
C LEU B 31 1.11 14.72 5.68
N TRP B 32 1.29 13.54 5.12
CA TRP B 32 1.96 13.46 3.83
C TRP B 32 1.10 14.01 2.69
N ALA B 33 -0.18 13.65 2.66
CA ALA B 33 -1.11 14.22 1.71
C ALA B 33 -1.06 15.77 1.66
N ALA B 34 -1.03 16.41 2.83
CA ALA B 34 -0.90 17.85 2.94
C ALA B 34 0.46 18.37 2.45
N ILE B 35 1.57 17.72 2.80
CA ILE B 35 2.87 18.12 2.26
C ILE B 35 2.96 17.96 0.72
N ALA B 36 2.29 16.96 0.17
CA ALA B 36 2.26 16.75 -1.27
C ALA B 36 1.45 17.81 -2.03
N LYS B 37 0.41 18.34 -1.38
CA LYS B 37 -0.33 19.49 -1.92
C LYS B 37 0.51 20.77 -1.98
N GLU B 38 1.33 20.99 -0.96
CA GLU B 38 2.16 22.20 -0.92
C GLU B 38 3.10 22.24 -2.09
N LEU B 39 3.72 21.11 -2.33
CA LEU B 39 4.79 21.05 -3.29
C LEU B 39 4.26 20.58 -4.61
N LYS B 40 2.99 20.20 -4.64
CA LYS B 40 2.39 19.67 -5.87
C LYS B 40 3.18 18.47 -6.39
N LEU B 41 3.21 17.40 -5.61
CA LEU B 41 3.89 16.19 -6.03
C LEU B 41 2.81 15.19 -6.40
N ASP B 42 3.08 14.33 -7.38
CA ASP B 42 2.24 13.16 -7.66
C ASP B 42 2.91 12.00 -6.98
N TYR B 43 2.14 11.08 -6.43
CA TYR B 43 2.76 9.98 -5.72
C TYR B 43 1.88 8.76 -5.72
N GLU B 44 2.50 7.59 -5.51
CA GLU B 44 1.77 6.35 -5.31
C GLU B 44 2.06 5.86 -3.88
N LEU B 45 1.02 5.41 -3.16
CA LEU B 45 1.16 4.87 -1.81
C LEU B 45 1.31 3.39 -1.95
N LYS B 46 2.04 2.75 -1.05
CA LYS B 46 2.41 1.35 -1.20
C LYS B 46 2.67 0.71 0.17
N PRO B 47 1.62 0.23 0.85
CA PRO B 47 1.84 -0.39 2.14
C PRO B 47 2.66 -1.68 2.06
N MET B 48 3.57 -1.86 3.02
CA MET B 48 4.45 -3.03 3.11
C MET B 48 4.89 -3.34 4.56
N ASP B 49 5.40 -4.55 4.81
CA ASP B 49 5.82 -4.96 6.15
C ASP B 49 6.91 -4.00 6.51
N PHE B 50 6.92 -3.55 7.77
CA PHE B 50 7.88 -2.52 8.18
C PHE B 50 9.30 -2.91 7.80
N SER B 51 9.70 -4.14 8.08
CA SER B 51 11.12 -4.44 8.05
C SER B 51 11.61 -4.62 6.62
N GLY B 52 10.71 -4.38 5.66
CA GLY B 52 11.06 -4.34 4.25
C GLY B 52 11.23 -2.91 3.76
N ILE B 53 11.09 -1.95 4.65
CA ILE B 53 11.11 -0.55 4.23
C ILE B 53 12.51 0.03 4.07
N ILE B 54 13.36 -0.07 5.08
CA ILE B 54 14.69 0.51 4.93
C ILE B 54 15.48 -0.15 3.80
N PRO B 55 15.43 -1.49 3.72
CA PRO B 55 15.97 -2.14 2.52
C PRO B 55 15.55 -1.52 1.20
N ALA B 56 14.27 -1.19 1.07
CA ALA B 56 13.73 -0.71 -0.20
C ALA B 56 14.04 0.76 -0.40
N LEU B 57 14.20 1.45 0.71
CA LEU B 57 14.69 2.82 0.67
C LEU B 57 16.10 2.78 0.08
N GLN B 58 16.92 1.85 0.54
CA GLN B 58 18.35 1.87 0.21
C GLN B 58 18.66 1.50 -1.24
N THR B 59 17.78 0.72 -1.86
CA THR B 59 17.94 0.35 -3.26
C THR B 59 17.31 1.37 -4.19
N LYS B 60 16.70 2.42 -3.62
CA LYS B 60 15.80 3.31 -4.35
C LYS B 60 14.68 2.53 -5.05
N ASN B 61 14.14 1.57 -4.34
CA ASN B 61 12.96 0.82 -4.78
C ASN B 61 11.69 1.60 -4.43
N VAL B 62 11.91 2.66 -3.67
CA VAL B 62 10.87 3.46 -3.05
C VAL B 62 11.57 4.78 -2.80
N ASP B 63 10.87 5.89 -2.96
CA ASP B 63 11.49 7.22 -2.89
C ASP B 63 11.54 7.88 -1.51
N LEU B 64 10.56 7.56 -0.68
CA LEU B 64 10.47 8.04 0.70
C LEU B 64 9.49 7.16 1.49
N ALA B 65 9.51 7.28 2.82
CA ALA B 65 8.63 6.50 3.66
C ALA B 65 8.19 7.22 4.93
N LEU B 66 6.94 6.98 5.31
CA LEU B 66 6.37 7.40 6.58
C LEU B 66 5.80 6.12 7.18
N ALA B 67 6.17 5.83 8.41
CA ALA B 67 5.66 4.65 9.10
C ALA B 67 5.95 4.76 10.58
N GLY B 68 5.87 5.97 11.12
CA GLY B 68 6.22 6.20 12.51
C GLY B 68 7.61 5.73 12.85
N ILE B 69 8.58 6.23 12.09
CA ILE B 69 9.96 5.74 12.15
C ILE B 69 10.74 6.66 13.06
N THR B 70 11.18 6.13 14.20
CA THR B 70 12.01 6.87 15.14
C THR B 70 13.39 7.17 14.57
N ILE B 71 13.84 8.39 14.77
CA ILE B 71 15.13 8.84 14.30
C ILE B 71 16.13 8.33 15.31
N THR B 72 16.92 7.34 14.91
CA THR B 72 18.00 6.86 15.73
C THR B 72 19.32 6.99 14.94
N ASP B 73 20.44 7.14 15.65
CA ASP B 73 21.75 7.27 15.02
C ASP B 73 22.12 5.98 14.32
N GLU B 74 21.73 4.89 14.93
CA GLU B 74 21.86 3.58 14.34
C GLU B 74 21.26 3.57 12.94
N ARG B 75 20.15 4.32 12.75
CA ARG B 75 19.40 4.36 11.48
C ARG B 75 19.95 5.35 10.46
N LYS B 76 20.48 6.46 10.95
CA LYS B 76 21.11 7.46 10.10
C LYS B 76 22.26 6.87 9.28
N LYS B 77 22.87 5.82 9.81
CA LYS B 77 23.91 5.09 9.10
C LYS B 77 23.39 4.66 7.74
N ALA B 78 22.17 4.13 7.74
CA ALA B 78 21.60 3.49 6.57
C ALA B 78 20.78 4.45 5.70
N ILE B 79 19.95 5.29 6.32
CA ILE B 79 19.10 6.24 5.58
C ILE B 79 19.24 7.68 6.12
N ASP B 80 18.50 8.60 5.51
CA ASP B 80 18.48 10.02 5.91
C ASP B 80 17.08 10.45 6.28
N PHE B 81 16.98 11.47 7.13
CA PHE B 81 15.75 11.81 7.83
C PHE B 81 15.45 13.29 7.66
N SER B 82 14.17 13.62 7.49
CA SER B 82 13.69 14.99 7.45
C SER B 82 13.69 15.55 8.86
N ASP B 83 13.21 16.78 8.97
CA ASP B 83 13.17 17.53 10.23
C ASP B 83 12.28 16.93 11.31
N GLY B 84 11.63 15.81 11.07
CA GLY B 84 10.98 15.18 12.21
C GLY B 84 9.71 15.88 12.63
N TYR B 85 8.64 15.11 12.77
CA TYR B 85 7.31 15.67 12.75
C TYR B 85 6.37 15.11 13.81
N TYR B 86 6.88 14.33 14.76
CA TYR B 86 6.03 13.81 15.83
C TYR B 86 6.87 13.51 17.05
N LYS B 87 6.57 14.18 18.16
CA LYS B 87 7.28 13.98 19.42
C LYS B 87 6.65 12.80 20.16
N SER B 88 7.44 11.76 20.39
CA SER B 88 6.98 10.56 21.09
C SER B 88 7.75 10.36 22.41
N GLY B 89 7.40 9.30 23.15
CA GLY B 89 7.87 9.13 24.53
C GLY B 89 6.77 8.60 25.43
N LEU B 90 6.96 8.64 26.75
CA LEU B 90 6.04 7.99 27.72
C LEU B 90 4.98 8.94 28.27
N LEU B 91 3.86 8.39 28.72
CA LEU B 91 2.79 9.18 29.31
C LEU B 91 2.14 8.44 30.48
N VAL B 92 1.88 9.16 31.56
CA VAL B 92 1.17 8.65 32.70
C VAL B 92 -0.28 8.80 32.36
N MET B 93 -1.07 7.75 32.58
CA MET B 93 -2.53 7.80 32.45
C MET B 93 -3.15 7.41 33.80
N VAL B 94 -3.98 8.27 34.40
CA VAL B 94 -4.68 7.93 35.63
C VAL B 94 -6.17 7.99 35.40
N LYS B 95 -6.94 7.58 36.39
CA LYS B 95 -8.40 7.72 36.31
C LYS B 95 -8.67 9.21 36.20
N ALA B 96 -9.82 9.60 35.66
CA ALA B 96 -10.10 11.02 35.55
C ALA B 96 -10.17 11.62 36.96
N ASN B 97 -11.07 11.06 37.77
CA ASN B 97 -11.37 11.60 39.11
C ASN B 97 -10.30 11.17 40.09
N ASN B 98 -9.24 11.96 40.13
CA ASN B 98 -8.00 11.51 40.72
C ASN B 98 -7.11 12.70 40.83
N ASN B 99 -6.21 12.69 41.80
CA ASN B 99 -5.21 13.75 41.88
C ASN B 99 -3.83 13.22 42.15
N ASP B 100 -3.36 12.47 41.15
CA ASP B 100 -1.95 12.36 40.76
C ASP B 100 -1.82 13.21 39.49
N VAL B 101 -0.39 13.56 38.96
CA VAL B 101 -0.47 14.83 38.24
C VAL B 101 0.80 15.05 37.39
N LYS B 102 1.69 14.73 37.28
CA LYS B 102 3.03 14.55 36.70
C LYS B 102 3.48 13.12 36.96
N SER B 103 4.77 12.86 36.86
CA SER B 103 5.31 11.61 37.41
C SER B 103 5.47 11.76 38.98
N VAL B 104 4.32 12.08 39.70
CA VAL B 104 4.24 12.05 41.25
C VAL B 104 3.51 10.76 41.75
N LYS B 105 3.85 9.75 41.28
CA LYS B 105 3.52 8.35 41.45
C LYS B 105 4.55 7.82 42.40
N ASP B 106 4.81 8.52 43.48
CA ASP B 106 6.01 8.21 44.22
C ASP B 106 5.74 7.98 45.69
N LEU B 107 6.82 8.01 46.47
CA LEU B 107 6.80 8.15 47.95
C LEU B 107 5.73 7.40 48.81
N ASP B 108 4.46 7.75 48.64
CA ASP B 108 3.34 7.03 49.26
C ASP B 108 2.19 6.61 48.28
N GLY B 109 2.02 7.38 47.18
CA GLY B 109 1.04 7.03 46.16
C GLY B 109 1.35 5.69 45.48
N LYS B 110 1.24 5.66 44.15
CA LYS B 110 1.95 4.69 43.30
C LYS B 110 1.78 3.17 43.41
N VAL B 111 0.95 2.64 42.53
CA VAL B 111 1.08 1.28 42.02
C VAL B 111 0.99 1.40 40.48
N VAL B 112 2.05 1.01 39.78
CA VAL B 112 2.16 1.34 38.37
C VAL B 112 2.12 0.10 37.50
N ALA B 113 1.15 0.13 36.58
CA ALA B 113 0.95 -0.95 35.63
C ALA B 113 1.76 -0.60 34.38
N VAL B 114 2.25 -1.59 33.66
CA VAL B 114 3.22 -1.39 32.60
C VAL B 114 3.33 -2.76 31.90
N LYS B 115 3.70 -2.78 30.62
CA LYS B 115 3.78 -4.03 29.85
C LYS B 115 5.20 -4.59 29.93
N SER B 116 5.36 -5.91 29.87
CA SER B 116 6.68 -6.54 29.92
C SER B 116 7.50 -6.09 28.74
N GLY B 117 8.71 -5.59 29.01
CA GLY B 117 9.74 -5.46 27.97
C GLY B 117 9.49 -4.26 27.08
N THR B 118 9.77 -3.08 27.61
CA THR B 118 9.20 -1.83 27.14
C THR B 118 9.88 -0.67 27.88
N GLY B 119 9.93 0.50 27.24
CA GLY B 119 10.63 1.64 27.81
C GLY B 119 10.14 1.97 29.19
N SER B 120 8.87 1.72 29.48
CA SER B 120 8.28 2.13 30.76
C SER B 120 8.74 1.29 31.95
N VAL B 121 8.96 0.01 31.71
CA VAL B 121 9.62 -0.89 32.66
C VAL B 121 10.86 -0.20 33.18
N ASP B 122 11.74 0.14 32.26
CA ASP B 122 13.07 0.62 32.59
C ASP B 122 13.06 2.04 33.09
N TYR B 123 12.09 2.83 32.67
CA TYR B 123 12.03 4.21 33.12
C TYR B 123 11.51 4.26 34.54
N ALA B 124 10.51 3.44 34.85
CA ALA B 124 9.96 3.43 36.21
C ALA B 124 11.01 2.89 37.15
N LYS B 125 11.52 1.72 36.80
CA LYS B 125 12.51 1.03 37.60
C LYS B 125 13.57 2.02 38.10
N ALA B 126 14.25 2.66 37.16
CA ALA B 126 15.33 3.60 37.52
C ALA B 126 14.82 4.87 38.18
N ASN B 127 13.66 5.35 37.77
CA ASN B 127 13.21 6.62 38.26
C ASN B 127 12.22 6.44 39.35
N ILE B 128 10.97 6.16 38.99
CA ILE B 128 9.89 6.22 39.96
C ILE B 128 10.20 5.21 41.08
N LYS B 129 10.09 5.65 42.34
CA LYS B 129 10.27 4.75 43.48
C LYS B 129 8.87 4.51 44.07
N THR B 130 8.29 3.36 43.75
CA THR B 130 6.87 3.11 44.06
C THR B 130 6.63 1.79 44.79
N LYS B 131 5.39 1.55 45.21
CA LYS B 131 5.01 0.32 45.91
C LYS B 131 5.40 -0.80 44.96
N ASP B 132 4.82 -0.69 43.77
CA ASP B 132 4.66 -1.81 42.86
C ASP B 132 5.04 -1.31 41.49
N LEU B 133 5.67 -2.19 40.73
CA LEU B 133 5.69 -2.08 39.30
C LEU B 133 5.03 -3.38 38.81
N ARG B 134 3.73 -3.34 38.54
CA ARG B 134 3.04 -4.55 38.10
C ARG B 134 3.26 -4.65 36.63
N GLN B 135 3.80 -5.77 36.15
CA GLN B 135 3.99 -5.96 34.73
C GLN B 135 3.15 -7.08 34.13
N PHE B 136 2.82 -6.90 32.84
CA PHE B 136 1.82 -7.70 32.15
C PHE B 136 2.22 -8.05 30.74
N PRO B 137 1.81 -9.25 30.29
CA PRO B 137 1.95 -9.68 28.90
C PRO B 137 1.53 -8.60 27.91
N ASN B 138 0.38 -7.97 28.16
CA ASN B 138 -0.06 -6.89 27.27
C ASN B 138 -0.64 -5.72 28.06
N ILE B 139 -0.67 -4.53 27.46
CA ILE B 139 -1.14 -3.32 28.17
C ILE B 139 -2.62 -3.37 28.44
N ASP B 140 -3.33 -4.07 27.57
CA ASP B 140 -4.74 -4.25 27.80
C ASP B 140 -4.94 -4.80 29.20
N ASN B 141 -3.94 -5.53 29.70
CA ASN B 141 -3.99 -6.03 31.06
C ASN B 141 -3.78 -4.91 32.06
N ALA B 142 -3.10 -3.87 31.62
CA ALA B 142 -2.82 -2.70 32.44
C ALA B 142 -3.99 -1.70 32.45
N TYR B 143 -4.64 -1.54 31.31
CA TYR B 143 -5.88 -0.78 31.25
C TYR B 143 -6.89 -1.38 32.21
N MET B 144 -7.05 -2.70 32.18
CA MET B 144 -7.96 -3.45 33.06
C MET B 144 -7.59 -3.35 34.56
N GLU B 145 -6.32 -3.48 34.88
CA GLU B 145 -5.85 -3.31 36.26
C GLU B 145 -6.16 -1.92 36.78
N LEU B 146 -6.11 -0.89 35.92
CA LEU B 146 -6.45 0.48 36.31
C LEU B 146 -7.95 0.76 36.38
N GLY B 147 -8.82 0.14 35.75
CA GLY B 147 -10.29 0.21 35.71
C GLY B 147 -10.87 0.11 37.12
N THR B 148 -10.15 -0.60 37.97
CA THR B 148 -10.79 -1.13 39.18
C THR B 148 -10.02 -0.69 40.43
N ASN B 149 -9.25 0.38 40.28
CA ASN B 149 -8.38 0.89 41.36
C ASN B 149 -7.70 -0.26 42.11
N ARG B 150 -6.79 -0.98 41.31
CA ARG B 150 -5.78 -1.92 41.78
C ARG B 150 -4.39 -1.37 41.48
N ALA B 151 -4.48 -0.36 40.26
CA ALA B 151 -3.28 0.40 39.94
C ALA B 151 -3.62 1.89 40.04
N ASP B 152 -2.65 2.68 40.47
CA ASP B 152 -2.80 4.13 40.51
C ASP B 152 -2.67 4.73 39.12
N ALA B 153 -1.75 4.23 38.32
CA ALA B 153 -1.57 4.77 36.97
C ALA B 153 -0.75 3.86 36.08
N VAL B 154 -0.72 4.21 34.78
CA VAL B 154 -0.02 3.46 33.75
C VAL B 154 1.05 4.28 33.03
N LEU B 155 2.14 3.60 32.67
CA LEU B 155 3.18 4.17 31.83
C LEU B 155 3.17 3.44 30.49
N HIS B 156 3.06 4.20 29.40
CA HIS B 156 3.16 3.65 28.06
C HIS B 156 3.34 4.84 27.12
N ASP B 157 3.49 4.59 25.82
CA ASP B 157 3.92 5.64 24.88
C ASP B 157 2.86 6.65 24.48
N THR B 158 3.31 7.83 24.09
CA THR B 158 2.41 8.95 23.99
C THR B 158 1.17 8.70 23.12
N PRO B 159 1.32 8.17 21.89
CA PRO B 159 0.17 7.98 20.98
C PRO B 159 -0.83 6.86 21.33
N ASN B 160 -0.34 5.74 21.85
CA ASN B 160 -1.21 4.65 22.30
C ASN B 160 -2.06 5.11 23.49
N ILE B 161 -1.47 5.95 24.34
CA ILE B 161 -2.20 6.55 25.43
C ILE B 161 -3.26 7.50 24.91
N LEU B 162 -2.85 8.44 24.07
CA LEU B 162 -3.76 9.45 23.55
C LEU B 162 -4.90 8.84 22.78
N TYR B 163 -4.59 7.90 21.91
CA TYR B 163 -5.61 7.34 21.05
C TYR B 163 -6.59 6.48 21.84
N PHE B 164 -6.10 5.73 22.84
CA PHE B 164 -7.04 4.93 23.63
C PHE B 164 -7.98 5.84 24.40
N ILE B 165 -7.45 6.93 24.92
CA ILE B 165 -8.27 7.85 25.66
C ILE B 165 -9.38 8.44 24.77
N LYS B 166 -9.11 8.54 23.48
CA LYS B 166 -10.03 9.19 22.55
C LYS B 166 -11.10 8.23 22.07
N THR B 167 -10.79 6.94 22.05
CA THR B 167 -11.69 5.97 21.46
C THR B 167 -12.37 5.05 22.48
N ALA B 168 -11.61 4.32 23.28
CA ALA B 168 -12.26 3.36 24.17
C ALA B 168 -12.20 3.75 25.61
N GLY B 169 -11.21 4.57 26.03
CA GLY B 169 -11.14 4.90 27.46
C GLY B 169 -12.07 6.07 27.78
N ASN B 170 -13.05 6.22 26.91
CA ASN B 170 -13.82 7.45 26.76
C ASN B 170 -14.29 7.98 28.12
N GLY B 171 -13.73 9.12 28.53
CA GLY B 171 -14.19 9.82 29.75
C GLY B 171 -13.45 9.28 30.98
N GLN B 172 -13.62 7.98 31.43
CA GLN B 172 -13.09 7.46 32.68
C GLN B 172 -11.61 7.71 32.82
N PHE B 173 -10.94 7.78 31.67
CA PHE B 173 -9.49 7.92 31.70
C PHE B 173 -9.04 9.29 31.26
N LYS B 174 -7.82 9.63 31.65
CA LYS B 174 -7.23 10.88 31.24
C LYS B 174 -5.72 10.79 31.37
N ALA B 175 -5.03 11.73 30.73
CA ALA B 175 -3.56 11.76 30.75
C ALA B 175 -2.99 13.02 31.41
N VAL B 176 -1.73 12.90 31.79
CA VAL B 176 -1.13 13.73 32.81
C VAL B 176 0.35 13.98 32.41
N GLY B 177 0.77 15.25 32.34
CA GLY B 177 2.12 15.60 31.94
C GLY B 177 2.17 15.85 30.44
N ASP B 178 3.31 15.56 29.82
CA ASP B 178 3.39 15.29 28.38
C ASP B 178 4.65 14.45 28.34
N SER B 179 5.23 14.26 27.16
CA SER B 179 6.11 13.12 26.89
C SER B 179 7.39 13.10 27.68
N LEU B 180 7.73 11.91 28.18
CA LEU B 180 8.98 11.63 28.90
C LEU B 180 9.90 10.92 27.91
N GLU B 181 11.20 11.07 28.11
CA GLU B 181 12.17 10.48 27.20
C GLU B 181 11.92 10.77 25.74
N ALA B 182 11.49 12.00 25.45
CA ALA B 182 11.05 12.37 24.12
C ALA B 182 11.97 11.87 23.03
N GLN B 183 11.39 11.42 21.93
CA GLN B 183 12.12 11.06 20.71
C GLN B 183 11.25 11.47 19.54
N GLN B 184 11.84 11.79 18.39
CA GLN B 184 11.08 12.29 17.27
C GLN B 184 10.93 11.26 16.16
N TYR B 185 9.78 11.27 15.48
CA TYR B 185 9.57 10.52 14.24
C TYR B 185 10.07 11.32 13.04
N GLY B 186 10.59 10.61 12.04
CA GLY B 186 11.08 11.23 10.83
C GLY B 186 10.60 10.55 9.56
N ILE B 187 10.47 11.33 8.49
CA ILE B 187 10.15 10.81 7.16
C ILE B 187 11.47 10.32 6.64
N ALA B 188 11.50 9.13 6.04
CA ALA B 188 12.75 8.51 5.66
C ALA B 188 13.01 8.69 4.17
N PHE B 189 14.24 9.05 3.80
CA PHE B 189 14.66 9.10 2.41
C PHE B 189 15.93 8.24 2.24
N PRO B 190 16.18 7.71 1.04
CA PRO B 190 17.51 7.17 0.74
C PRO B 190 18.53 8.29 0.53
N LYS B 191 19.79 8.04 0.87
CA LYS B 191 20.79 9.12 0.87
C LYS B 191 21.02 9.63 -0.52
N GLY B 192 21.55 10.85 -0.60
CA GLY B 192 21.71 11.53 -1.87
C GLY B 192 20.38 12.01 -2.41
N SER B 193 19.57 12.60 -1.55
CA SER B 193 18.22 13.06 -1.91
C SER B 193 18.05 14.43 -1.28
N ASP B 194 19.15 15.17 -1.29
CA ASP B 194 19.22 16.45 -0.62
C ASP B 194 18.13 17.41 -1.08
N GLU B 195 17.93 17.53 -2.38
CA GLU B 195 16.98 18.50 -2.91
C GLU B 195 15.56 18.26 -2.41
N LEU B 196 15.12 16.99 -2.47
CA LEU B 196 13.74 16.62 -2.10
C LEU B 196 13.52 16.71 -0.59
N ARG B 197 14.54 16.39 0.19
CA ARG B 197 14.45 16.41 1.66
C ARG B 197 14.40 17.82 2.19
N ASP B 198 15.05 18.74 1.49
CA ASP B 198 15.05 20.12 1.89
C ASP B 198 13.78 20.81 1.42
N LYS B 199 13.16 20.26 0.38
CA LYS B 199 11.84 20.68 -0.02
C LYS B 199 10.77 20.23 0.96
N VAL B 200 10.84 18.96 1.37
CA VAL B 200 9.87 18.40 2.28
C VAL B 200 9.95 19.07 3.67
N ASN B 201 11.15 19.43 4.12
CA ASN B 201 11.36 20.19 5.36
C ASN B 201 10.71 21.55 5.27
N GLY B 202 10.84 22.17 4.11
CA GLY B 202 10.28 23.49 3.92
C GLY B 202 8.77 23.46 4.08
N ALA B 203 8.12 22.45 3.49
CA ALA B 203 6.65 22.39 3.49
C ALA B 203 6.13 22.06 4.85
N LEU B 204 6.98 21.47 5.69
CA LEU B 204 6.60 21.14 7.05
C LEU B 204 6.54 22.43 7.86
N LYS B 205 7.38 23.41 7.53
CA LYS B 205 7.37 24.70 8.18
C LYS B 205 6.06 25.38 7.87
N THR B 206 5.71 25.39 6.60
CA THR B 206 4.54 26.10 6.13
C THR B 206 3.28 25.58 6.82
N LEU B 207 3.23 24.27 6.99
CA LEU B 207 2.11 23.60 7.64
C LEU B 207 2.09 23.83 9.16
N ARG B 208 3.24 24.08 9.77
CA ARG B 208 3.31 24.39 11.19
C ARG B 208 2.93 25.86 11.42
N GLU B 209 3.21 26.71 10.42
CA GLU B 209 3.02 28.15 10.56
C GLU B 209 1.58 28.56 10.32
N ASN B 210 0.91 27.85 9.43
CA ASN B 210 -0.46 28.23 9.08
C ASN B 210 -1.53 27.51 9.88
N GLY B 211 -1.09 26.67 10.81
CA GLY B 211 -2.01 25.97 11.67
C GLY B 211 -2.44 24.58 11.25
N THR B 212 -2.00 24.08 10.09
CA THR B 212 -2.52 22.83 9.53
C THR B 212 -1.98 21.63 10.30
N TYR B 213 -0.73 21.70 10.73
CA TYR B 213 -0.15 20.63 11.57
C TYR B 213 -1.03 20.42 12.80
N ASN B 214 -1.16 21.49 13.58
CA ASN B 214 -1.99 21.53 14.76
C ASN B 214 -3.37 20.93 14.56
N GLU B 215 -4.00 21.21 13.44
CA GLU B 215 -5.34 20.69 13.20
C GLU B 215 -5.39 19.24 12.73
N ILE B 216 -4.32 18.75 12.13
CA ILE B 216 -4.21 17.32 11.85
C ILE B 216 -3.92 16.53 13.13
N TYR B 217 -3.11 17.12 14.02
CA TYR B 217 -2.83 16.54 15.32
C TYR B 217 -4.09 16.33 16.16
N LYS B 218 -4.92 17.36 16.24
CA LYS B 218 -6.13 17.32 17.05
C LYS B 218 -7.12 16.28 16.55
N LYS B 219 -7.11 16.03 15.27
CA LYS B 219 -8.04 15.09 14.66
C LYS B 219 -7.84 13.68 15.19
N TRP B 220 -6.58 13.26 15.32
CA TRP B 220 -6.27 11.89 15.69
C TRP B 220 -6.03 11.68 17.17
N PHE B 221 -5.63 12.73 17.87
CA PHE B 221 -5.25 12.55 19.26
C PHE B 221 -6.00 13.40 20.28
N GLY B 222 -7.03 14.12 19.82
CA GLY B 222 -7.88 14.93 20.70
C GLY B 222 -7.20 15.93 21.62
N THR B 223 -6.00 16.41 21.23
CA THR B 223 -5.30 17.46 21.97
C THR B 223 -4.30 18.11 21.01
N GLU B 224 -3.38 18.90 21.57
CA GLU B 224 -2.58 19.84 20.78
C GLU B 224 -1.16 19.35 20.57
#